data_8HNY
#
_entry.id   8HNY
#
_cell.length_a   42.121
_cell.length_b   90.731
_cell.length_c   95.088
_cell.angle_alpha   90.00
_cell.angle_beta   90.00
_cell.angle_gamma   90.00
#
_symmetry.space_group_name_H-M   'P 21 21 21'
#
loop_
_entity.id
_entity.type
_entity.pdbx_description
1 polymer 'Cytochrome P450-F5053'
2 non-polymer 'PROTOPORPHYRIN IX CONTAINING FE'
3 non-polymer (3~{S},8~{a}~{S})-3-[(4-fluoranyl-1~{H}-indol-3-yl)methyl]-2,3,6,7,8,8~{a}-hexahydropyrrolo[1,2-a]pyrazine-1,4-dione
4 water water
#
_entity_poly.entity_id   1
_entity_poly.type   'polypeptide(L)'
_entity_poly.pdbx_seq_one_letter_code
;GSTLTYPFHDWSQELSPRYAQLRASDAPVCPVVSEGTGDPLWLVTRYATAVKLLEDSRFSSEAAQASGAPRQSPVELRAP
GTRGDAIAMLREAGLRSVLADGLGPRAVRRHQGWINDLAETLMSELASREGTFDLAADFVEPLSSALVSRTLLGELSADE
RDLLAHCADTGLRFCGVTHEEQVHAFTQMHEFFLEHARRLAGTPGEHLLKLIAEAPVDQGPLSDEALAEAGSLLVVAGFP
TSSGFLCGALLTLLRHPDAVQELHAHPERVPSAVEELLRYTPLSTGSVKRMATEDLEIDGVRIKAGEVVMVSLEAVNHDP
DAFEDPDVFRPGREGPMHFGFGRGRHFCPGNRLARCVIEATVRAVARRPGLRLAVAPEEISWHEGLFFRRPRAIPATW
;
_entity_poly.pdbx_strand_id   A
#
loop_
_chem_comp.id
_chem_comp.type
_chem_comp.name
_chem_comp.formula
2IV non-polymer (3~{S},8~{a}~{S})-3-[(4-fluoranyl-1~{H}-indol-3-yl)methyl]-2,3,6,7,8,8~{a}-hexahydropyrrolo[1,2-a]pyrazine-1,4-dione 'C16 H16 F N3 O2'
HEM non-polymer 'PROTOPORPHYRIN IX CONTAINING FE' 'C34 H32 Fe N4 O4'
#
# COMPACT_ATOMS: atom_id res chain seq x y z
N THR A 3 -27.19 -5.60 5.22
CA THR A 3 -27.69 -5.43 3.86
C THR A 3 -26.64 -4.80 2.95
N LEU A 4 -25.63 -4.17 3.56
CA LEU A 4 -24.62 -3.42 2.82
C LEU A 4 -23.46 -4.34 2.42
N THR A 5 -23.19 -4.46 1.13
CA THR A 5 -22.12 -5.34 0.70
C THR A 5 -20.85 -4.54 0.41
N TYR A 6 -19.71 -5.19 0.63
CA TYR A 6 -18.41 -4.60 0.66
C TYR A 6 -17.50 -5.29 -0.37
N PRO A 7 -16.59 -4.57 -1.02
CA PRO A 7 -16.26 -3.14 -0.88
C PRO A 7 -17.24 -2.25 -1.62
N PHE A 8 -16.92 -0.97 -1.74
CA PHE A 8 -17.85 -0.01 -2.29
C PHE A 8 -17.55 0.37 -3.73
N HIS A 9 -16.60 -0.30 -4.36
CA HIS A 9 -16.40 -0.13 -5.79
C HIS A 9 -15.95 1.28 -6.15
N ASP A 10 -15.31 1.97 -5.20
CA ASP A 10 -14.76 3.30 -5.44
C ASP A 10 -13.31 3.13 -5.90
N TRP A 11 -13.18 2.79 -7.19
CA TRP A 11 -11.88 2.44 -7.75
C TRP A 11 -11.04 3.65 -8.09
N SER A 12 -11.66 4.81 -8.25
CA SER A 12 -10.91 6.03 -8.56
C SER A 12 -10.50 6.69 -7.24
N GLN A 13 -10.09 7.95 -7.30
CA GLN A 13 -9.74 8.64 -6.07
C GLN A 13 -10.96 9.17 -5.34
N GLU A 14 -12.12 9.21 -5.98
CA GLU A 14 -13.35 9.64 -5.34
C GLU A 14 -13.85 8.54 -4.41
N LEU A 15 -13.69 8.73 -3.10
CA LEU A 15 -14.11 7.70 -2.15
C LEU A 15 -15.63 7.50 -2.22
N SER A 16 -16.07 6.35 -1.72
CA SER A 16 -17.49 6.03 -1.77
C SER A 16 -18.24 6.86 -0.73
N PRO A 17 -19.41 7.39 -1.09
CA PRO A 17 -20.21 8.11 -0.09
C PRO A 17 -20.55 7.29 1.13
N ARG A 18 -20.50 5.96 1.03
CA ARG A 18 -20.90 5.10 2.13
C ARG A 18 -20.02 5.32 3.35
N TYR A 19 -18.73 5.66 3.16
CA TYR A 19 -17.86 5.87 4.30
C TYR A 19 -18.42 6.98 5.20
N ALA A 20 -18.58 8.18 4.65
CA ALA A 20 -19.22 9.27 5.37
C ALA A 20 -20.55 8.84 5.98
N GLN A 21 -21.28 7.95 5.31
CA GLN A 21 -22.56 7.48 5.81
C GLN A 21 -22.39 6.64 7.07
N LEU A 22 -21.51 5.63 7.02
CA LEU A 22 -21.27 4.79 8.19
C LEU A 22 -20.68 5.59 9.35
N ARG A 23 -19.82 6.55 9.04
CA ARG A 23 -19.25 7.38 10.10
C ARG A 23 -20.34 8.12 10.86
N ALA A 24 -21.29 8.68 10.12
CA ALA A 24 -22.39 9.46 10.67
C ALA A 24 -23.47 8.60 11.32
N SER A 25 -23.34 7.29 11.28
CA SER A 25 -24.34 6.44 11.90
C SER A 25 -24.17 6.42 13.42
N ASP A 26 -25.08 5.70 14.07
CA ASP A 26 -25.02 5.53 15.52
C ASP A 26 -23.77 4.75 15.92
N ALA A 27 -23.69 3.49 15.50
CA ALA A 27 -22.72 2.57 16.07
C ALA A 27 -21.29 2.89 15.61
N PRO A 28 -20.29 2.50 16.41
CA PRO A 28 -18.89 2.65 15.98
C PRO A 28 -18.44 1.53 15.07
N VAL A 29 -19.18 0.44 15.01
CA VAL A 29 -18.93 -0.60 14.02
C VAL A 29 -20.23 -0.83 13.27
N CYS A 30 -20.12 -1.05 11.97
CA CYS A 30 -21.32 -1.37 11.21
C CYS A 30 -21.16 -2.71 10.51
N PRO A 31 -22.21 -3.55 10.50
CA PRO A 31 -22.12 -4.83 9.78
C PRO A 31 -22.25 -4.62 8.29
N VAL A 32 -21.41 -5.31 7.53
CA VAL A 32 -21.53 -5.39 6.08
C VAL A 32 -21.39 -6.86 5.66
N VAL A 33 -21.48 -7.09 4.36
CA VAL A 33 -21.36 -8.44 3.82
C VAL A 33 -20.32 -8.41 2.72
N SER A 34 -19.41 -9.37 2.76
CA SER A 34 -18.40 -9.48 1.72
C SER A 34 -19.04 -9.81 0.38
N GLU A 35 -18.76 -8.99 -0.61
CA GLU A 35 -19.26 -9.28 -1.96
C GLU A 35 -18.73 -10.62 -2.46
N GLY A 36 -17.46 -10.92 -2.19
CA GLY A 36 -16.83 -12.08 -2.81
C GLY A 36 -17.17 -13.41 -2.19
N THR A 37 -17.58 -13.42 -0.91
CA THR A 37 -17.81 -14.66 -0.19
C THR A 37 -19.12 -14.74 0.57
N GLY A 38 -19.90 -13.66 0.66
CA GLY A 38 -21.07 -13.70 1.51
C GLY A 38 -20.81 -13.67 3.00
N ASP A 39 -19.54 -13.63 3.44
CA ASP A 39 -19.19 -13.61 4.87
C ASP A 39 -19.64 -12.32 5.54
N PRO A 40 -20.19 -12.42 6.76
CA PRO A 40 -20.53 -11.21 7.50
C PRO A 40 -19.28 -10.62 8.15
N LEU A 41 -19.19 -9.29 8.13
CA LEU A 41 -18.00 -8.55 8.55
C LEU A 41 -18.40 -7.26 9.26
N TRP A 42 -17.56 -6.82 10.19
CA TRP A 42 -17.72 -5.56 10.89
C TRP A 42 -16.79 -4.53 10.25
N LEU A 43 -17.28 -3.31 10.09
CA LEU A 43 -16.49 -2.30 9.40
C LEU A 43 -16.43 -1.07 10.27
N VAL A 44 -15.22 -0.55 10.46
CA VAL A 44 -14.98 0.62 11.26
C VAL A 44 -14.62 1.75 10.32
N THR A 45 -15.27 2.89 10.49
CA THR A 45 -15.00 4.06 9.69
C THR A 45 -14.55 5.30 10.47
N ARG A 46 -14.65 5.32 11.81
CA ARG A 46 -14.32 6.49 12.61
C ARG A 46 -12.93 6.38 13.20
N TYR A 47 -12.24 7.51 13.25
CA TYR A 47 -10.87 7.54 13.75
C TYR A 47 -10.78 7.03 15.17
N ALA A 48 -11.63 7.55 16.05
CA ALA A 48 -11.55 7.17 17.46
C ALA A 48 -11.67 5.67 17.62
N THR A 49 -12.73 5.08 17.03
CA THR A 49 -12.90 3.64 17.10
C THR A 49 -11.67 2.91 16.57
N ALA A 50 -11.25 3.28 15.35
CA ALA A 50 -10.10 2.60 14.74
C ALA A 50 -8.90 2.57 15.68
N VAL A 51 -8.63 3.68 16.36
CA VAL A 51 -7.48 3.71 17.25
C VAL A 51 -7.62 2.63 18.31
N LYS A 52 -8.79 2.61 18.97
CA LYS A 52 -9.09 1.59 19.95
C LYS A 52 -8.89 0.20 19.38
N LEU A 53 -9.44 -0.05 18.18
CA LEU A 53 -9.41 -1.41 17.65
C LEU A 53 -7.99 -1.84 17.36
N LEU A 54 -7.24 -1.02 16.61
CA LEU A 54 -5.91 -1.40 16.15
C LEU A 54 -4.87 -1.45 17.28
N GLU A 55 -5.12 -0.80 18.42
CA GLU A 55 -4.17 -0.91 19.52
C GLU A 55 -4.51 -2.03 20.50
N ASP A 56 -5.64 -2.68 20.30
CA ASP A 56 -6.07 -3.76 21.18
C ASP A 56 -5.63 -5.05 20.51
N SER A 57 -4.52 -5.61 21.01
CA SER A 57 -3.95 -6.78 20.37
C SER A 57 -4.84 -8.01 20.50
N ARG A 58 -5.93 -7.95 21.29
CA ARG A 58 -6.89 -9.04 21.37
C ARG A 58 -7.69 -9.16 20.08
N PHE A 59 -7.67 -8.12 19.26
CA PHE A 59 -8.10 -8.21 17.87
C PHE A 59 -6.88 -8.60 17.06
N SER A 60 -6.84 -9.84 16.58
CA SER A 60 -5.64 -10.41 16.01
C SER A 60 -5.68 -10.34 14.49
N SER A 61 -4.52 -10.03 13.91
CA SER A 61 -4.33 -9.98 12.47
C SER A 61 -4.04 -11.37 11.90
N GLU A 62 -3.10 -12.09 12.51
CA GLU A 62 -2.74 -13.43 12.04
C GLU A 62 -3.92 -14.40 12.16
N ALA A 63 -4.68 -14.31 13.26
CA ALA A 63 -5.87 -15.16 13.37
C ALA A 63 -6.88 -14.85 12.27
N ALA A 64 -6.82 -13.67 11.66
CA ALA A 64 -7.80 -13.25 10.68
C ALA A 64 -7.55 -13.90 9.33
N GLN A 65 -6.57 -14.78 9.25
CA GLN A 65 -6.32 -15.54 8.03
C GLN A 65 -6.08 -17.02 8.30
N ALA A 66 -6.40 -17.51 9.49
CA ALA A 66 -6.52 -18.94 9.66
C ALA A 66 -7.63 -19.46 8.75
N SER A 67 -7.47 -20.70 8.28
CA SER A 67 -8.36 -21.19 7.24
C SER A 67 -9.77 -21.30 7.82
N GLY A 68 -10.75 -20.77 7.10
CA GLY A 68 -12.11 -20.68 7.60
C GLY A 68 -12.50 -19.29 8.07
N ALA A 69 -11.57 -18.36 8.05
CA ALA A 69 -11.84 -17.02 8.54
C ALA A 69 -12.80 -16.30 7.59
N PRO A 70 -13.74 -15.52 8.13
CA PRO A 70 -14.48 -14.58 7.30
C PRO A 70 -13.52 -13.57 6.67
N ARG A 71 -13.77 -13.24 5.40
CA ARG A 71 -12.83 -12.39 4.68
C ARG A 71 -13.55 -11.56 3.62
N GLN A 72 -12.96 -10.39 3.34
CA GLN A 72 -13.48 -9.51 2.31
C GLN A 72 -13.05 -9.91 0.91
N SER A 73 -11.93 -10.64 0.76
CA SER A 73 -11.41 -11.00 -0.57
C SER A 73 -12.15 -12.21 -1.13
N PRO A 74 -12.42 -12.23 -2.45
CA PRO A 74 -13.04 -13.42 -3.04
C PRO A 74 -12.22 -14.68 -2.81
N VAL A 75 -10.89 -14.59 -2.82
CA VAL A 75 -10.06 -15.79 -2.71
C VAL A 75 -9.07 -15.63 -1.58
N GLU A 76 -8.68 -16.76 -1.00
CA GLU A 76 -7.58 -16.77 -0.04
C GLU A 76 -6.34 -16.21 -0.73
N LEU A 77 -5.66 -15.29 -0.05
CA LEU A 77 -4.53 -14.56 -0.60
C LEU A 77 -3.21 -15.26 -0.34
N ARG A 78 -3.13 -16.55 -0.65
CA ARG A 78 -1.89 -17.27 -0.50
C ARG A 78 -1.73 -18.24 -1.66
N ALA A 79 -0.50 -18.68 -1.87
CA ALA A 79 -0.26 -19.79 -2.77
C ALA A 79 -0.79 -21.05 -2.12
N PRO A 80 -1.75 -21.74 -2.72
CA PRO A 80 -2.33 -22.93 -2.08
C PRO A 80 -1.24 -23.88 -1.58
N GLY A 81 -1.51 -24.49 -0.44
CA GLY A 81 -0.56 -25.34 0.22
C GLY A 81 0.38 -24.63 1.17
N THR A 82 0.61 -23.34 0.95
CA THR A 82 1.57 -22.57 1.73
C THR A 82 0.93 -21.99 2.99
N ARG A 83 1.79 -21.50 3.88
CA ARG A 83 1.37 -21.08 5.21
C ARG A 83 0.60 -19.78 5.18
N GLY A 84 1.25 -18.71 4.74
CA GLY A 84 0.71 -17.39 4.87
C GLY A 84 1.22 -16.70 6.13
N ASP A 85 0.90 -15.42 6.24
CA ASP A 85 1.48 -14.57 7.25
C ASP A 85 2.99 -14.80 7.30
N ALA A 86 3.63 -14.55 6.16
CA ALA A 86 5.07 -14.64 6.09
C ALA A 86 5.74 -13.72 7.11
N ILE A 87 5.13 -12.58 7.44
CA ILE A 87 5.79 -11.64 8.35
C ILE A 87 5.82 -12.18 9.77
N ALA A 88 4.72 -12.80 10.22
CA ALA A 88 4.76 -13.52 11.48
C ALA A 88 5.78 -14.65 11.42
N MET A 89 5.75 -15.44 10.34
CA MET A 89 6.74 -16.48 10.15
C MET A 89 8.16 -15.94 10.26
N LEU A 90 8.40 -14.73 9.75
CA LEU A 90 9.75 -14.19 9.72
C LEU A 90 10.13 -13.61 11.08
N ARG A 91 9.23 -12.87 11.72
CA ARG A 91 9.51 -12.38 13.07
C ARG A 91 9.65 -13.55 14.05
N GLU A 92 8.85 -14.61 13.88
CA GLU A 92 8.96 -15.76 14.79
C GLU A 92 10.29 -16.49 14.63
N ALA A 93 10.85 -16.49 13.42
CA ALA A 93 12.17 -17.03 13.19
C ALA A 93 13.30 -16.06 13.61
N GLY A 94 12.99 -15.09 14.47
CA GLY A 94 14.01 -14.22 15.03
C GLY A 94 14.65 -13.28 14.04
N LEU A 95 13.87 -12.75 13.10
CA LEU A 95 14.43 -11.92 12.04
C LEU A 95 14.13 -10.44 12.23
N ARG A 96 13.61 -10.05 13.40
CA ARG A 96 13.27 -8.65 13.62
C ARG A 96 14.47 -7.75 13.32
N SER A 97 15.60 -8.01 13.98
CA SER A 97 16.76 -7.15 13.78
C SER A 97 17.20 -7.15 12.32
N VAL A 98 17.16 -8.31 11.66
CA VAL A 98 17.41 -8.33 10.23
C VAL A 98 16.47 -7.38 9.51
N LEU A 99 15.16 -7.52 9.75
CA LEU A 99 14.19 -6.59 9.16
C LEU A 99 14.56 -5.16 9.46
N ALA A 100 15.03 -4.89 10.68
CA ALA A 100 15.50 -3.56 11.01
C ALA A 100 16.59 -3.11 10.05
N ASP A 101 17.57 -3.97 9.79
CA ASP A 101 18.64 -3.58 8.87
C ASP A 101 18.10 -3.37 7.46
N GLY A 102 17.17 -4.22 7.00
CA GLY A 102 16.74 -4.14 5.61
C GLY A 102 15.67 -3.12 5.34
N LEU A 103 14.99 -2.64 6.37
CA LEU A 103 13.90 -1.70 6.19
C LEU A 103 14.03 -0.43 7.03
N GLY A 104 14.97 -0.36 7.96
CA GLY A 104 15.01 0.73 8.90
C GLY A 104 15.92 1.86 8.47
N PRO A 105 16.25 2.75 9.41
CA PRO A 105 17.08 3.91 9.05
C PRO A 105 18.42 3.53 8.42
N ARG A 106 19.02 2.40 8.78
CA ARG A 106 20.24 1.96 8.11
C ARG A 106 19.99 1.74 6.62
N ALA A 107 18.89 1.08 6.28
CA ALA A 107 18.58 0.83 4.88
C ALA A 107 18.28 2.13 4.15
N VAL A 108 17.45 2.98 4.76
CA VAL A 108 17.19 4.29 4.18
C VAL A 108 18.50 4.96 3.81
N ARG A 109 19.48 4.92 4.73
CA ARG A 109 20.75 5.56 4.46
C ARG A 109 21.44 4.93 3.26
N ARG A 110 21.42 3.60 3.15
CA ARG A 110 22.08 2.94 2.04
C ARG A 110 21.48 3.38 0.70
N HIS A 111 20.16 3.57 0.66
CA HIS A 111 19.47 3.69 -0.62
C HIS A 111 19.00 5.10 -0.94
N GLN A 112 18.97 6.03 0.02
CA GLN A 112 18.36 7.31 -0.28
C GLN A 112 19.13 8.06 -1.36
N GLY A 113 20.42 7.75 -1.53
CA GLY A 113 21.21 8.44 -2.53
C GLY A 113 20.71 8.11 -3.91
N TRP A 114 20.68 6.83 -4.26
CA TRP A 114 20.30 6.44 -5.60
C TRP A 114 18.82 6.68 -5.86
N ILE A 115 17.96 6.50 -4.85
CA ILE A 115 16.54 6.74 -5.05
C ILE A 115 16.30 8.17 -5.53
N ASN A 116 16.84 9.14 -4.82
CA ASN A 116 16.69 10.53 -5.25
C ASN A 116 17.35 10.75 -6.60
N ASP A 117 18.51 10.15 -6.84
CA ASP A 117 19.14 10.29 -8.15
C ASP A 117 18.25 9.73 -9.24
N LEU A 118 17.72 8.53 -9.02
CA LEU A 118 16.83 7.96 -10.02
C LEU A 118 15.65 8.88 -10.28
N ALA A 119 14.98 9.36 -9.22
CA ALA A 119 13.79 10.18 -9.41
C ALA A 119 14.10 11.45 -10.18
N GLU A 120 15.27 12.05 -9.96
CA GLU A 120 15.61 13.27 -10.70
C GLU A 120 15.95 12.96 -12.16
N THR A 121 16.66 11.86 -12.41
CA THR A 121 16.96 11.46 -13.78
C THR A 121 15.67 11.25 -14.58
N LEU A 122 14.70 10.55 -13.99
CA LEU A 122 13.47 10.27 -14.71
C LEU A 122 12.70 11.55 -15.03
N MET A 123 12.63 12.47 -14.07
CA MET A 123 11.98 13.76 -14.35
C MET A 123 12.78 14.56 -15.35
N SER A 124 14.10 14.54 -15.23
CA SER A 124 14.94 15.19 -16.23
C SER A 124 14.61 14.68 -17.62
N GLU A 125 14.86 13.39 -17.86
CA GLU A 125 14.52 12.79 -19.15
C GLU A 125 13.14 13.22 -19.62
N LEU A 126 12.14 13.21 -18.73
CA LEU A 126 10.81 13.61 -19.17
C LEU A 126 10.75 15.10 -19.50
N ALA A 127 11.51 15.94 -18.78
CA ALA A 127 11.43 17.38 -19.02
C ALA A 127 12.17 17.80 -20.29
N SER A 128 13.08 16.97 -20.78
CA SER A 128 13.85 17.27 -21.96
C SER A 128 13.15 16.79 -23.24
N ARG A 129 11.93 16.25 -23.13
CA ARG A 129 11.08 15.91 -24.26
C ARG A 129 10.21 17.08 -24.66
N GLU A 130 9.81 17.08 -25.94
CA GLU A 130 8.67 17.88 -26.39
C GLU A 130 7.37 17.12 -26.16
N GLY A 131 6.34 17.83 -25.72
CA GLY A 131 5.01 17.27 -25.61
C GLY A 131 4.71 16.64 -24.25
N THR A 132 3.74 15.73 -24.27
CA THR A 132 3.20 15.07 -23.10
C THR A 132 3.82 13.69 -22.90
N PHE A 133 3.54 13.08 -21.75
CA PHE A 133 4.15 11.83 -21.38
C PHE A 133 3.30 11.17 -20.28
N ASP A 134 3.67 9.95 -19.90
CA ASP A 134 2.86 9.14 -18.98
C ASP A 134 3.63 8.97 -17.69
N LEU A 135 3.21 9.69 -16.65
CA LEU A 135 3.91 9.65 -15.38
C LEU A 135 3.82 8.28 -14.72
N ALA A 136 2.73 7.56 -14.93
CA ALA A 136 2.66 6.20 -14.44
C ALA A 136 3.74 5.35 -15.08
N ALA A 137 3.70 5.22 -16.41
CA ALA A 137 4.61 4.31 -17.07
C ALA A 137 6.05 4.82 -17.02
N ASP A 138 6.25 6.12 -17.23
CA ASP A 138 7.58 6.67 -17.43
C ASP A 138 8.22 7.15 -16.13
N PHE A 139 7.48 7.19 -15.04
CA PHE A 139 8.10 7.62 -13.80
C PHE A 139 7.84 6.62 -12.68
N VAL A 140 6.57 6.34 -12.38
CA VAL A 140 6.27 5.52 -11.21
C VAL A 140 6.80 4.11 -11.42
N GLU A 141 6.38 3.46 -12.50
CA GLU A 141 6.80 2.09 -12.79
C GLU A 141 8.30 1.86 -12.68
N PRO A 142 9.17 2.64 -13.30
CA PRO A 142 10.62 2.35 -13.13
C PRO A 142 11.10 2.63 -11.71
N LEU A 143 10.58 3.67 -11.08
CA LEU A 143 11.01 4.00 -9.73
C LEU A 143 10.59 2.91 -8.74
N SER A 144 9.30 2.57 -8.70
CA SER A 144 8.87 1.50 -7.82
C SER A 144 9.52 0.17 -8.21
N SER A 145 9.71 -0.08 -9.51
CA SER A 145 10.42 -1.29 -9.91
C SER A 145 11.82 -1.34 -9.29
N ALA A 146 12.54 -0.22 -9.39
CA ALA A 146 13.90 -0.18 -8.86
C ALA A 146 13.91 -0.30 -7.33
N LEU A 147 12.94 0.29 -6.65
CA LEU A 147 12.83 0.11 -5.20
C LEU A 147 12.66 -1.37 -4.85
N VAL A 148 11.71 -2.06 -5.50
CA VAL A 148 11.47 -3.46 -5.19
C VAL A 148 12.71 -4.29 -5.48
N SER A 149 13.32 -4.08 -6.66
CA SER A 149 14.52 -4.82 -7.04
C SER A 149 15.67 -4.51 -6.10
N ARG A 150 16.00 -3.23 -5.94
CA ARG A 150 17.25 -2.87 -5.27
C ARG A 150 17.17 -3.02 -3.76
N THR A 151 16.02 -2.72 -3.15
CA THR A 151 15.92 -2.80 -1.69
C THR A 151 15.25 -4.07 -1.16
N LEU A 152 14.45 -4.78 -1.95
CA LEU A 152 13.68 -5.90 -1.42
C LEU A 152 14.19 -7.23 -1.95
N LEU A 153 14.05 -7.50 -3.25
CA LEU A 153 14.22 -8.83 -3.82
C LEU A 153 15.64 -9.08 -4.32
N GLY A 154 16.27 -8.08 -4.90
CA GLY A 154 17.50 -8.27 -5.64
C GLY A 154 17.25 -8.12 -7.12
N GLU A 155 18.32 -8.29 -7.90
CA GLU A 155 18.30 -7.89 -9.30
C GLU A 155 17.26 -8.68 -10.08
N LEU A 156 16.34 -7.95 -10.70
CA LEU A 156 15.27 -8.53 -11.52
C LEU A 156 15.47 -8.12 -12.96
N SER A 157 15.17 -9.04 -13.88
CA SER A 157 15.11 -8.69 -15.29
C SER A 157 13.81 -7.99 -15.61
N ALA A 158 13.70 -7.45 -16.82
CA ALA A 158 12.45 -6.80 -17.20
C ALA A 158 11.31 -7.82 -17.22
N ASP A 159 11.59 -9.03 -17.71
CA ASP A 159 10.55 -10.05 -17.81
C ASP A 159 10.12 -10.57 -16.45
N GLU A 160 11.07 -10.71 -15.52
CA GLU A 160 10.73 -11.13 -14.17
C GLU A 160 9.94 -10.04 -13.45
N ARG A 161 10.34 -8.78 -13.61
CA ARG A 161 9.57 -7.67 -13.06
C ARG A 161 8.16 -7.68 -13.62
N ASP A 162 8.02 -7.88 -14.94
CA ASP A 162 6.68 -7.90 -15.52
C ASP A 162 5.84 -9.04 -14.95
N LEU A 163 6.46 -10.20 -14.75
CA LEU A 163 5.71 -11.35 -14.23
C LEU A 163 5.15 -11.06 -12.84
N LEU A 164 6.00 -10.55 -11.92
CA LEU A 164 5.54 -10.30 -10.55
C LEU A 164 4.54 -9.16 -10.51
N ALA A 165 4.69 -8.17 -11.38
CA ALA A 165 3.73 -7.08 -11.37
C ALA A 165 2.36 -7.56 -11.87
N HIS A 166 2.34 -8.43 -12.88
CA HIS A 166 1.08 -9.03 -13.33
C HIS A 166 0.46 -9.88 -12.23
N CYS A 167 1.25 -10.72 -11.58
CA CYS A 167 0.76 -11.53 -10.45
C CYS A 167 0.12 -10.66 -9.38
N ALA A 168 0.77 -9.57 -9.01
CA ALA A 168 0.17 -8.68 -8.01
C ALA A 168 -1.11 -8.06 -8.54
N ASP A 169 -1.14 -7.63 -9.81
CA ASP A 169 -2.37 -7.02 -10.31
C ASP A 169 -3.48 -8.04 -10.48
N THR A 170 -3.13 -9.31 -10.65
CA THR A 170 -4.15 -10.34 -10.85
C THR A 170 -4.58 -10.96 -9.53
N GLY A 171 -3.65 -11.07 -8.58
CA GLY A 171 -3.99 -11.71 -7.32
C GLY A 171 -4.71 -10.75 -6.40
N LEU A 172 -4.32 -9.48 -6.42
CA LEU A 172 -4.77 -8.50 -5.42
C LEU A 172 -5.96 -7.68 -5.93
N ARG A 173 -7.08 -8.39 -6.14
CA ARG A 173 -8.29 -7.81 -6.70
C ARG A 173 -9.50 -8.23 -5.90
N PHE A 174 -10.51 -7.36 -5.87
CA PHE A 174 -11.87 -7.71 -5.49
C PHE A 174 -12.67 -8.26 -6.66
N CYS A 175 -12.36 -7.85 -7.89
CA CYS A 175 -13.15 -8.34 -9.02
C CYS A 175 -12.36 -8.10 -10.30
N GLY A 176 -12.86 -8.66 -11.39
CA GLY A 176 -12.25 -8.50 -12.70
C GLY A 176 -11.51 -9.71 -13.17
N VAL A 177 -11.24 -10.68 -12.30
CA VAL A 177 -10.62 -11.94 -12.69
C VAL A 177 -11.38 -13.06 -12.01
N THR A 178 -11.43 -14.21 -12.68
CA THR A 178 -12.07 -15.38 -12.11
C THR A 178 -11.38 -15.79 -10.81
N HIS A 179 -12.11 -16.56 -9.98
CA HIS A 179 -11.53 -17.08 -8.73
C HIS A 179 -10.21 -17.79 -8.99
N GLU A 180 -10.14 -18.55 -10.09
CA GLU A 180 -9.02 -19.44 -10.34
C GLU A 180 -7.86 -18.74 -11.03
N GLU A 181 -8.16 -17.74 -11.86
CA GLU A 181 -7.11 -16.80 -12.28
C GLU A 181 -6.41 -16.18 -11.08
N GLN A 182 -7.20 -15.64 -10.15
CA GLN A 182 -6.64 -14.91 -9.01
C GLN A 182 -5.77 -15.80 -8.15
N VAL A 183 -6.28 -16.97 -7.77
CA VAL A 183 -5.50 -17.97 -7.05
C VAL A 183 -4.26 -18.35 -7.85
N HIS A 184 -4.40 -18.52 -9.18
CA HIS A 184 -3.26 -18.89 -10.00
C HIS A 184 -2.14 -17.86 -9.93
N ALA A 185 -2.46 -16.58 -9.78
CA ALA A 185 -1.41 -15.57 -9.68
C ALA A 185 -0.50 -15.84 -8.48
N PHE A 186 -1.08 -16.21 -7.33
CA PHE A 186 -0.26 -16.53 -6.17
C PHE A 186 0.55 -17.80 -6.41
N THR A 187 -0.04 -18.80 -7.06
CA THR A 187 0.73 -20.00 -7.38
C THR A 187 1.89 -19.66 -8.31
N GLN A 188 1.67 -18.83 -9.31
CA GLN A 188 2.76 -18.39 -10.19
C GLN A 188 3.87 -17.73 -9.38
N MET A 189 3.53 -16.71 -8.61
CA MET A 189 4.54 -16.06 -7.77
C MET A 189 5.28 -17.08 -6.93
N HIS A 190 4.53 -17.92 -6.20
CA HIS A 190 5.14 -18.92 -5.34
C HIS A 190 6.21 -19.72 -6.08
N GLU A 191 5.82 -20.29 -7.21
CA GLU A 191 6.71 -21.15 -7.99
C GLU A 191 7.87 -20.39 -8.60
N PHE A 192 7.68 -19.12 -8.98
CA PHE A 192 8.82 -18.30 -9.38
C PHE A 192 9.84 -18.19 -8.25
N PHE A 193 9.38 -17.91 -7.03
CA PHE A 193 10.31 -17.71 -5.92
C PHE A 193 10.91 -19.02 -5.41
N LEU A 194 10.14 -20.10 -5.44
CA LEU A 194 10.71 -21.43 -5.23
C LEU A 194 11.91 -21.67 -6.14
N GLU A 195 11.80 -21.31 -7.42
CA GLU A 195 12.90 -21.51 -8.36
C GLU A 195 13.99 -20.45 -8.24
N HIS A 196 13.65 -19.22 -7.86
CA HIS A 196 14.58 -18.10 -7.99
C HIS A 196 14.95 -17.39 -6.70
N ALA A 197 14.19 -17.53 -5.63
CA ALA A 197 14.48 -16.79 -4.41
C ALA A 197 15.95 -16.93 -4.02
N ARG A 198 16.47 -18.15 -4.06
CA ARG A 198 17.89 -18.37 -3.79
C ARG A 198 18.76 -17.43 -4.60
N ARG A 199 18.57 -17.44 -5.92
CA ARG A 199 19.42 -16.65 -6.80
C ARG A 199 19.27 -15.16 -6.52
N LEU A 200 18.02 -14.69 -6.45
CA LEU A 200 17.80 -13.27 -6.19
C LEU A 200 18.48 -12.86 -4.90
N ALA A 201 18.50 -13.76 -3.91
CA ALA A 201 19.17 -13.46 -2.65
C ALA A 201 20.66 -13.17 -2.87
N GLY A 202 21.33 -13.94 -3.72
CA GLY A 202 22.78 -13.87 -3.85
C GLY A 202 23.34 -12.79 -4.73
N THR A 203 22.47 -12.05 -5.43
CA THR A 203 22.94 -11.01 -6.31
C THR A 203 23.48 -9.83 -5.47
N PRO A 204 24.23 -8.93 -6.11
CA PRO A 204 24.88 -7.81 -5.41
C PRO A 204 23.86 -6.86 -4.80
N GLY A 205 24.38 -5.99 -3.93
CA GLY A 205 23.54 -5.07 -3.19
C GLY A 205 23.16 -5.58 -1.81
N GLU A 206 22.46 -4.71 -1.08
CA GLU A 206 22.03 -4.98 0.29
C GLU A 206 20.52 -5.02 0.41
N HIS A 207 19.87 -5.88 -0.38
CA HIS A 207 18.41 -5.97 -0.41
C HIS A 207 17.90 -6.95 0.64
N LEU A 208 16.68 -6.70 1.10
CA LEU A 208 16.14 -7.42 2.26
C LEU A 208 16.26 -8.92 2.08
N LEU A 209 15.89 -9.42 0.90
CA LEU A 209 15.80 -10.87 0.72
C LEU A 209 17.15 -11.54 0.93
N LYS A 210 18.24 -10.86 0.57
CA LYS A 210 19.57 -11.41 0.82
C LYS A 210 19.89 -11.41 2.31
N LEU A 211 19.53 -10.32 3.01
CA LEU A 211 19.78 -10.30 4.45
C LEU A 211 18.96 -11.38 5.15
N ILE A 212 17.76 -11.67 4.66
CA ILE A 212 16.98 -12.75 5.23
C ILE A 212 17.67 -14.08 4.99
N ALA A 213 18.17 -14.30 3.78
CA ALA A 213 18.79 -15.59 3.47
C ALA A 213 20.06 -15.80 4.28
N GLU A 214 20.84 -14.75 4.50
CA GLU A 214 22.05 -14.84 5.30
C GLU A 214 21.79 -14.70 6.80
N ALA A 215 20.53 -14.78 7.22
CA ALA A 215 20.18 -14.66 8.63
C ALA A 215 20.44 -15.99 9.34
N PRO A 216 21.15 -15.98 10.47
CA PRO A 216 21.21 -17.19 11.30
C PRO A 216 19.90 -17.39 12.03
N VAL A 217 19.54 -18.65 12.24
CA VAL A 217 18.29 -18.98 12.90
C VAL A 217 18.50 -20.12 13.88
N LEU A 222 17.22 -20.79 6.90
CA LEU A 222 15.98 -20.57 6.14
C LEU A 222 15.96 -21.29 4.81
N SER A 223 14.95 -22.16 4.65
CA SER A 223 14.79 -23.03 3.51
C SER A 223 14.30 -22.26 2.29
N ASP A 224 14.39 -22.91 1.12
CA ASP A 224 13.85 -22.30 -0.09
C ASP A 224 12.37 -21.97 0.07
N GLU A 225 11.60 -22.89 0.65
CA GLU A 225 10.19 -22.60 0.91
C GLU A 225 10.02 -21.31 1.70
N ALA A 226 10.79 -21.16 2.78
CA ALA A 226 10.68 -19.96 3.60
C ALA A 226 11.05 -18.73 2.78
N LEU A 227 12.14 -18.81 2.04
CA LEU A 227 12.56 -17.71 1.16
C LEU A 227 11.47 -17.37 0.17
N ALA A 228 10.90 -18.39 -0.48
CA ALA A 228 9.84 -18.15 -1.45
C ALA A 228 8.69 -17.40 -0.80
N GLU A 229 8.32 -17.77 0.42
CA GLU A 229 7.22 -17.09 1.09
C GLU A 229 7.59 -15.65 1.41
N ALA A 230 8.88 -15.38 1.62
CA ALA A 230 9.35 -14.02 1.88
C ALA A 230 9.27 -13.17 0.62
N GLY A 231 9.67 -13.72 -0.53
CA GLY A 231 9.61 -12.97 -1.77
C GLY A 231 8.19 -12.57 -2.13
N SER A 232 7.27 -13.54 -2.07
CA SER A 232 5.85 -13.29 -2.29
C SER A 232 5.33 -12.19 -1.39
N LEU A 233 5.60 -12.30 -0.09
CA LEU A 233 5.16 -11.27 0.84
C LEU A 233 5.72 -9.91 0.45
N LEU A 234 7.00 -9.85 0.07
CA LEU A 234 7.60 -8.55 -0.24
C LEU A 234 7.04 -7.99 -1.55
N VAL A 235 6.69 -8.85 -2.50
CA VAL A 235 6.01 -8.36 -3.70
C VAL A 235 4.68 -7.72 -3.31
N VAL A 236 3.86 -8.47 -2.57
CA VAL A 236 2.50 -8.06 -2.26
C VAL A 236 2.47 -6.80 -1.42
N ALA A 237 3.40 -6.67 -0.48
CA ALA A 237 3.40 -5.56 0.48
C ALA A 237 4.04 -4.29 -0.06
N GLY A 238 4.95 -4.41 -1.03
CA GLY A 238 5.75 -3.28 -1.43
C GLY A 238 5.66 -2.89 -2.89
N PHE A 239 5.18 -3.82 -3.75
CA PHE A 239 5.12 -3.47 -5.17
C PHE A 239 3.84 -2.71 -5.48
N PRO A 240 2.68 -3.36 -5.39
CA PRO A 240 1.44 -2.69 -5.82
C PRO A 240 1.04 -1.58 -4.88
N THR A 241 1.56 -1.57 -3.66
CA THR A 241 1.36 -0.47 -2.73
C THR A 241 2.19 0.76 -3.14
N SER A 242 3.49 0.58 -3.36
CA SER A 242 4.34 1.72 -3.73
C SER A 242 3.88 2.32 -5.05
N SER A 243 3.61 1.48 -6.04
CA SER A 243 3.25 1.99 -7.35
C SER A 243 1.89 2.64 -7.33
N GLY A 244 0.90 1.98 -6.70
CA GLY A 244 -0.38 2.66 -6.52
C GLY A 244 -0.22 3.98 -5.80
N PHE A 245 0.51 4.01 -4.69
CA PHE A 245 0.52 5.23 -3.89
C PHE A 245 1.18 6.37 -4.66
N LEU A 246 2.34 6.12 -5.25
CA LEU A 246 3.04 7.21 -5.93
C LEU A 246 2.19 7.72 -7.10
N CYS A 247 1.48 6.83 -7.79
CA CYS A 247 0.59 7.28 -8.85
C CYS A 247 -0.43 8.26 -8.29
N GLY A 248 -1.10 7.89 -7.21
CA GLY A 248 -2.08 8.79 -6.62
C GLY A 248 -1.47 10.06 -6.03
N ALA A 249 -0.29 9.95 -5.43
CA ALA A 249 0.38 11.13 -4.91
C ALA A 249 0.70 12.10 -6.05
N LEU A 250 1.18 11.60 -7.18
CA LEU A 250 1.46 12.52 -8.28
C LEU A 250 0.17 13.19 -8.72
N LEU A 251 -0.91 12.44 -8.80
CA LEU A 251 -2.20 13.05 -9.13
C LEU A 251 -2.54 14.15 -8.13
N THR A 252 -2.52 13.83 -6.84
CA THR A 252 -2.78 14.86 -5.82
C THR A 252 -1.89 16.09 -6.01
N LEU A 253 -0.61 15.89 -6.32
CA LEU A 253 0.28 17.03 -6.47
C LEU A 253 -0.09 17.86 -7.69
N LEU A 254 -0.33 17.20 -8.84
CA LEU A 254 -0.63 17.92 -10.07
C LEU A 254 -1.95 18.67 -9.97
N ARG A 255 -2.85 18.23 -9.10
CA ARG A 255 -4.12 18.92 -8.88
C ARG A 255 -4.02 20.00 -7.81
N HIS A 256 -2.84 20.21 -7.24
CA HIS A 256 -2.66 21.27 -6.24
C HIS A 256 -1.42 22.09 -6.59
N PRO A 257 -1.49 22.85 -7.69
CA PRO A 257 -0.33 23.69 -8.05
C PRO A 257 0.08 24.63 -6.91
N ASP A 258 -0.88 25.29 -6.28
CA ASP A 258 -0.54 26.22 -5.20
C ASP A 258 0.37 25.55 -4.17
N ALA A 259 -0.02 24.38 -3.69
CA ALA A 259 0.80 23.69 -2.69
C ALA A 259 2.14 23.29 -3.29
N VAL A 260 2.15 22.90 -4.57
CA VAL A 260 3.42 22.58 -5.23
C VAL A 260 4.33 23.81 -5.23
N GLN A 261 3.78 24.98 -5.55
CA GLN A 261 4.58 26.21 -5.56
C GLN A 261 5.10 26.53 -4.17
N GLU A 262 4.27 26.35 -3.15
CA GLU A 262 4.73 26.56 -1.79
C GLU A 262 5.92 25.67 -1.47
N LEU A 263 5.85 24.40 -1.86
CA LEU A 263 6.96 23.47 -1.62
C LEU A 263 8.18 23.84 -2.47
N HIS A 264 7.97 24.36 -3.68
CA HIS A 264 9.10 24.82 -4.49
C HIS A 264 9.86 25.93 -3.76
N ALA A 265 9.13 26.92 -3.23
CA ALA A 265 9.74 28.03 -2.51
C ALA A 265 10.28 27.64 -1.14
N HIS A 266 9.74 26.58 -0.52
CA HIS A 266 10.07 26.22 0.85
C HIS A 266 10.35 24.73 0.94
N PRO A 267 11.54 24.29 0.50
CA PRO A 267 11.81 22.84 0.45
C PRO A 267 11.73 22.16 1.79
N GLU A 268 11.86 22.90 2.90
CA GLU A 268 11.79 22.31 4.23
C GLU A 268 10.36 21.92 4.61
N ARG A 269 9.37 22.27 3.82
CA ARG A 269 7.98 21.87 4.08
C ARG A 269 7.61 20.56 3.40
N VAL A 270 8.55 19.94 2.67
CA VAL A 270 8.22 18.70 1.94
C VAL A 270 7.85 17.56 2.89
N PRO A 271 8.60 17.30 3.99
CA PRO A 271 8.21 16.20 4.89
C PRO A 271 6.78 16.29 5.39
N SER A 272 6.37 17.46 5.89
CA SER A 272 4.97 17.64 6.25
C SER A 272 4.07 17.34 5.06
N ALA A 273 4.53 17.65 3.85
CA ALA A 273 3.72 17.40 2.67
C ALA A 273 3.53 15.90 2.44
N VAL A 274 4.62 15.13 2.51
CA VAL A 274 4.52 13.68 2.39
C VAL A 274 3.52 13.11 3.39
N GLU A 275 3.52 13.63 4.62
CA GLU A 275 2.64 13.08 5.65
C GLU A 275 1.20 13.44 5.39
N GLU A 276 0.96 14.61 4.81
CA GLU A 276 -0.39 14.94 4.37
C GLU A 276 -0.81 14.07 3.18
N LEU A 277 0.12 13.77 2.28
CA LEU A 277 -0.19 12.88 1.16
C LEU A 277 -0.67 11.53 1.65
N LEU A 278 0.03 10.98 2.64
CA LEU A 278 -0.34 9.70 3.23
C LEU A 278 -1.70 9.75 3.91
N ARG A 279 -2.11 10.91 4.40
CA ARG A 279 -3.46 11.05 4.94
C ARG A 279 -4.48 11.25 3.83
N TYR A 280 -4.20 12.14 2.89
CA TYR A 280 -5.18 12.62 1.92
C TYR A 280 -5.38 11.60 0.81
N THR A 281 -4.31 11.20 0.13
CA THR A 281 -4.40 10.33 -1.03
C THR A 281 -4.87 8.93 -0.63
N PRO A 282 -5.99 8.45 -1.17
CA PRO A 282 -6.44 7.08 -0.88
C PRO A 282 -5.63 6.05 -1.64
N LEU A 283 -5.50 4.88 -1.04
CA LEU A 283 -4.78 3.77 -1.66
C LEU A 283 -5.66 2.54 -1.74
N SER A 284 -5.83 1.86 -0.61
CA SER A 284 -6.53 0.59 -0.59
C SER A 284 -8.02 0.83 -0.77
N THR A 285 -8.67 -0.09 -1.51
CA THR A 285 -10.13 -0.10 -1.64
C THR A 285 -10.79 -1.06 -0.65
N GLY A 286 -10.01 -1.86 0.07
CA GLY A 286 -10.56 -2.64 1.14
C GLY A 286 -10.10 -2.11 2.48
N SER A 287 -10.02 -3.00 3.47
CA SER A 287 -9.79 -2.59 4.85
C SER A 287 -8.69 -3.44 5.45
N VAL A 288 -7.93 -2.87 6.40
CA VAL A 288 -7.15 -3.74 7.26
C VAL A 288 -8.16 -4.58 8.02
N LYS A 289 -7.77 -5.77 8.44
CA LYS A 289 -8.75 -6.63 9.10
C LYS A 289 -8.12 -7.40 10.25
N ARG A 290 -8.92 -7.64 11.28
CA ARG A 290 -8.50 -8.38 12.46
C ARG A 290 -9.66 -9.26 12.94
N MET A 291 -9.34 -10.21 13.81
CA MET A 291 -10.31 -11.15 14.36
C MET A 291 -10.27 -11.09 15.88
N ALA A 292 -11.42 -10.81 16.49
CA ALA A 292 -11.62 -11.01 17.91
C ALA A 292 -11.21 -12.42 18.34
N THR A 293 -10.10 -12.53 19.06
CA THR A 293 -9.61 -13.77 19.64
C THR A 293 -10.45 -14.23 20.83
N GLU A 294 -11.45 -13.45 21.24
CA GLU A 294 -12.39 -13.79 22.30
C GLU A 294 -13.56 -12.83 22.19
N ASP A 295 -14.62 -13.10 22.97
CA ASP A 295 -15.70 -12.12 23.05
C ASP A 295 -15.14 -10.78 23.53
N LEU A 296 -15.37 -9.73 22.76
CA LEU A 296 -14.83 -8.42 23.08
C LEU A 296 -15.93 -7.37 22.87
N GLU A 297 -15.65 -6.15 23.30
CA GLU A 297 -16.62 -5.06 23.25
C GLU A 297 -15.93 -3.84 22.68
N ILE A 298 -16.49 -3.28 21.60
CA ILE A 298 -15.91 -2.17 20.86
C ILE A 298 -16.84 -0.97 20.97
N ASP A 299 -16.42 0.03 21.75
CA ASP A 299 -17.23 1.21 22.01
C ASP A 299 -18.67 0.82 22.31
N GLY A 300 -18.86 -0.22 23.13
CA GLY A 300 -20.17 -0.69 23.51
C GLY A 300 -20.73 -1.80 22.64
N VAL A 301 -20.17 -2.02 21.45
CA VAL A 301 -20.65 -3.08 20.57
C VAL A 301 -19.94 -4.37 20.91
N ARG A 302 -20.70 -5.45 21.07
CA ARG A 302 -20.12 -6.73 21.42
C ARG A 302 -19.71 -7.46 20.15
N ILE A 303 -18.45 -7.89 20.12
CA ILE A 303 -17.85 -8.60 19.00
C ILE A 303 -17.56 -10.00 19.49
N LYS A 304 -18.16 -11.00 18.83
CA LYS A 304 -18.01 -12.40 19.23
C LYS A 304 -16.67 -12.93 18.76
N ALA A 305 -16.10 -13.85 19.53
CA ALA A 305 -14.93 -14.59 19.08
C ALA A 305 -15.15 -15.15 17.68
N GLY A 306 -14.13 -15.05 16.83
CA GLY A 306 -14.21 -15.50 15.46
C GLY A 306 -14.66 -14.43 14.47
N GLU A 307 -15.43 -13.45 14.92
CA GLU A 307 -15.87 -12.39 14.02
C GLU A 307 -14.69 -11.50 13.64
N VAL A 308 -14.78 -10.90 12.44
CA VAL A 308 -13.69 -10.12 11.84
C VAL A 308 -14.13 -8.67 11.73
N VAL A 309 -13.24 -7.78 12.19
CA VAL A 309 -13.46 -6.33 12.21
C VAL A 309 -12.47 -5.70 11.24
N MET A 310 -13.02 -4.96 10.28
CA MET A 310 -12.27 -4.23 9.28
C MET A 310 -12.17 -2.77 9.69
N VAL A 311 -11.04 -2.13 9.36
CA VAL A 311 -10.90 -0.68 9.44
C VAL A 311 -10.52 -0.17 8.06
N SER A 312 -11.33 0.76 7.52
CA SER A 312 -10.98 1.48 6.29
C SER A 312 -10.07 2.64 6.66
N LEU A 313 -8.79 2.53 6.31
CA LEU A 313 -7.88 3.63 6.56
C LEU A 313 -8.32 4.87 5.80
N GLU A 314 -8.90 4.67 4.62
CA GLU A 314 -9.41 5.80 3.83
C GLU A 314 -10.48 6.56 4.59
N ALA A 315 -11.50 5.86 5.09
CA ALA A 315 -12.56 6.51 5.83
C ALA A 315 -12.04 7.17 7.10
N VAL A 316 -11.05 6.57 7.75
CA VAL A 316 -10.52 7.13 8.98
C VAL A 316 -9.64 8.35 8.69
N ASN A 317 -8.78 8.25 7.67
CA ASN A 317 -8.01 9.41 7.23
C ASN A 317 -8.90 10.59 6.86
N HIS A 318 -10.14 10.33 6.48
CA HIS A 318 -11.05 11.39 6.06
C HIS A 318 -12.14 11.63 7.11
N ASP A 319 -11.83 11.34 8.37
CA ASP A 319 -12.77 11.55 9.47
C ASP A 319 -12.74 13.02 9.90
N PRO A 320 -13.86 13.74 9.84
CA PRO A 320 -13.82 15.15 10.27
C PRO A 320 -13.69 15.30 11.78
N ASP A 321 -14.13 14.31 12.56
CA ASP A 321 -13.91 14.41 14.00
C ASP A 321 -12.43 14.44 14.33
N ALA A 322 -11.61 13.87 13.48
CA ALA A 322 -10.18 13.82 13.71
C ALA A 322 -9.45 14.95 13.01
N PHE A 323 -9.86 15.24 11.77
CA PHE A 323 -9.17 16.19 10.92
C PHE A 323 -10.14 17.29 10.52
N GLU A 324 -9.72 18.53 10.73
CA GLU A 324 -10.54 19.68 10.31
C GLU A 324 -10.42 19.84 8.80
N ASP A 325 -11.55 19.87 8.10
CA ASP A 325 -11.55 20.00 6.66
C ASP A 325 -10.89 18.77 6.05
N PRO A 326 -11.34 17.57 6.40
CA PRO A 326 -10.58 16.36 6.07
C PRO A 326 -10.42 16.12 4.59
N ASP A 327 -11.28 16.69 3.74
CA ASP A 327 -11.22 16.48 2.30
C ASP A 327 -10.43 17.58 1.58
N VAL A 328 -9.66 18.38 2.31
CA VAL A 328 -8.78 19.38 1.72
C VAL A 328 -7.34 18.94 1.89
N PHE A 329 -6.53 19.19 0.87
CA PHE A 329 -5.08 18.97 0.90
C PHE A 329 -4.42 20.13 1.65
N ARG A 330 -3.82 19.83 2.80
CA ARG A 330 -3.25 20.86 3.67
C ARG A 330 -1.93 20.40 4.23
N PRO A 331 -0.82 20.65 3.53
CA PRO A 331 0.48 20.28 4.10
C PRO A 331 0.81 21.19 5.28
N GLY A 332 1.47 20.62 6.28
CA GLY A 332 1.65 21.39 7.50
C GLY A 332 0.43 21.44 8.39
N ARG A 333 -0.70 20.91 7.94
CA ARG A 333 -1.82 20.73 8.86
C ARG A 333 -1.31 20.06 10.13
N GLU A 334 -1.90 20.41 11.25
CA GLU A 334 -1.54 19.81 12.53
C GLU A 334 -2.77 19.18 13.15
N GLY A 335 -3.12 17.99 12.67
CA GLY A 335 -4.10 17.17 13.33
C GLY A 335 -3.42 15.96 13.91
N PRO A 336 -4.20 14.94 14.32
CA PRO A 336 -3.61 13.70 14.80
C PRO A 336 -2.86 12.94 13.72
N MET A 337 -2.38 11.76 14.07
CA MET A 337 -1.50 11.00 13.21
C MET A 337 -2.33 10.30 12.15
N HIS A 338 -1.82 10.23 10.94
CA HIS A 338 -2.61 9.65 9.87
C HIS A 338 -2.61 8.13 9.97
N PHE A 339 -3.49 7.49 9.19
CA PHE A 339 -3.59 6.04 9.15
C PHE A 339 -3.05 5.43 7.85
N GLY A 340 -2.39 6.24 7.02
CA GLY A 340 -1.86 5.73 5.77
C GLY A 340 -0.99 4.50 5.89
N PHE A 341 -0.32 4.33 7.02
CA PHE A 341 0.51 3.16 7.31
C PHE A 341 -0.12 2.25 8.36
N GLY A 342 -1.37 2.50 8.73
CA GLY A 342 -1.96 1.74 9.80
C GLY A 342 -1.67 2.34 11.14
N ARG A 343 -1.46 1.48 12.14
CA ARG A 343 -1.33 1.87 13.52
C ARG A 343 -1.11 0.65 14.41
N GLY A 344 -0.32 0.78 15.48
CA GLY A 344 -0.17 -0.32 16.40
C GLY A 344 0.96 -1.25 16.00
N ARG A 345 0.87 -2.49 16.50
CA ARG A 345 1.92 -3.48 16.30
C ARG A 345 2.20 -3.79 14.83
N HIS A 346 1.23 -3.53 13.95
CA HIS A 346 1.39 -3.88 12.55
C HIS A 346 1.62 -2.64 11.70
N PHE A 347 2.07 -1.55 12.32
CA PHE A 347 2.46 -0.37 11.57
C PHE A 347 3.37 -0.81 10.42
N CYS A 348 3.05 -0.34 9.20
CA CYS A 348 3.83 -0.80 8.06
C CYS A 348 5.32 -0.71 8.32
N PRO A 349 6.00 -1.85 8.40
CA PRO A 349 7.47 -1.80 8.45
C PRO A 349 8.10 -1.21 7.21
N GLY A 350 7.39 -1.17 6.07
CA GLY A 350 7.92 -0.51 4.88
C GLY A 350 7.85 1.01 4.94
N ASN A 351 7.44 1.59 6.09
CA ASN A 351 7.14 3.01 6.13
C ASN A 351 8.37 3.88 5.85
N ARG A 352 9.56 3.45 6.28
CA ARG A 352 10.75 4.27 6.05
C ARG A 352 11.10 4.30 4.56
N LEU A 353 11.19 3.13 3.94
CA LEU A 353 11.55 3.09 2.52
C LEU A 353 10.46 3.75 1.67
N ALA A 354 9.19 3.58 2.06
CA ALA A 354 8.11 4.21 1.31
C ALA A 354 8.16 5.72 1.47
N ARG A 355 8.43 6.22 2.69
CA ARG A 355 8.57 7.66 2.88
C ARG A 355 9.79 8.17 2.15
N CYS A 356 10.84 7.36 2.05
CA CYS A 356 12.00 7.75 1.27
C CYS A 356 11.60 8.02 -0.17
N VAL A 357 10.94 7.03 -0.81
CA VAL A 357 10.60 7.18 -2.21
C VAL A 357 9.51 8.22 -2.38
N ILE A 358 8.55 8.28 -1.47
CA ILE A 358 7.54 9.33 -1.57
C ILE A 358 8.23 10.70 -1.59
N GLU A 359 9.10 10.94 -0.61
CA GLU A 359 9.83 12.20 -0.52
C GLU A 359 10.63 12.48 -1.79
N ALA A 360 11.40 11.51 -2.26
CA ALA A 360 12.16 11.73 -3.48
C ALA A 360 11.26 12.23 -4.60
N THR A 361 10.02 11.77 -4.63
CA THR A 361 9.10 12.14 -5.70
C THR A 361 8.55 13.54 -5.50
N VAL A 362 8.14 13.85 -4.28
CA VAL A 362 7.60 15.16 -3.99
C VAL A 362 8.65 16.22 -4.29
N ARG A 363 9.90 15.94 -3.96
CA ARG A 363 10.96 16.91 -4.24
C ARG A 363 11.22 17.04 -5.74
N ALA A 364 11.28 15.93 -6.49
CA ALA A 364 11.50 16.08 -7.94
C ALA A 364 10.39 16.90 -8.59
N VAL A 365 9.16 16.76 -8.12
CA VAL A 365 8.06 17.53 -8.70
C VAL A 365 8.15 18.99 -8.32
N ALA A 366 8.54 19.28 -7.07
CA ALA A 366 8.53 20.65 -6.55
C ALA A 366 9.69 21.46 -7.08
N ARG A 367 10.77 20.78 -7.45
CA ARG A 367 11.84 21.43 -8.16
C ARG A 367 11.44 21.83 -9.58
N ARG A 368 10.26 21.43 -10.07
CA ARG A 368 9.88 21.69 -11.47
C ARG A 368 8.44 22.18 -11.57
N PRO A 369 8.15 23.38 -11.05
CA PRO A 369 6.81 23.94 -11.22
C PRO A 369 6.37 23.90 -12.68
N GLY A 370 5.07 23.87 -12.89
CA GLY A 370 4.50 23.79 -14.21
C GLY A 370 4.12 22.40 -14.67
N LEU A 371 4.54 21.36 -13.95
CA LEU A 371 4.10 20.00 -14.27
C LEU A 371 2.61 19.87 -13.98
N ARG A 372 1.85 19.39 -14.97
CA ARG A 372 0.40 19.41 -14.90
C ARG A 372 -0.18 18.25 -15.69
N LEU A 373 -1.46 18.00 -15.47
CA LEU A 373 -2.17 16.99 -16.21
C LEU A 373 -2.37 17.44 -17.65
N ALA A 374 -2.35 16.48 -18.57
CA ALA A 374 -2.62 16.80 -19.96
C ALA A 374 -4.02 16.37 -20.35
N VAL A 375 -4.81 15.95 -19.36
CA VAL A 375 -6.21 15.57 -19.52
C VAL A 375 -6.92 15.95 -18.22
N ALA A 376 -8.24 16.04 -18.29
CA ALA A 376 -8.99 16.42 -17.11
C ALA A 376 -8.93 15.29 -16.07
N PRO A 377 -8.92 15.62 -14.78
CA PRO A 377 -8.84 14.56 -13.77
C PRO A 377 -9.90 13.50 -13.97
N GLU A 378 -11.11 13.94 -14.33
CA GLU A 378 -12.22 13.02 -14.58
C GLU A 378 -11.93 12.09 -15.75
N GLU A 379 -11.06 12.51 -16.69
CA GLU A 379 -10.72 11.71 -17.86
C GLU A 379 -9.66 10.66 -17.58
N ILE A 380 -9.03 10.69 -16.40
CA ILE A 380 -8.04 9.68 -16.06
C ILE A 380 -8.72 8.32 -16.00
N SER A 381 -8.03 7.30 -16.46
CA SER A 381 -8.59 5.95 -16.57
C SER A 381 -8.04 5.09 -15.44
N TRP A 382 -8.92 4.36 -14.75
CA TRP A 382 -8.55 3.65 -13.54
C TRP A 382 -8.56 2.16 -13.77
N HIS A 383 -7.61 1.47 -13.16
CA HIS A 383 -7.72 0.03 -13.05
C HIS A 383 -8.91 -0.27 -12.14
N GLU A 384 -9.79 -1.17 -12.59
CA GLU A 384 -11.02 -1.44 -11.87
C GLU A 384 -10.89 -2.77 -11.17
N GLY A 385 -11.19 -2.77 -9.88
CA GLY A 385 -11.21 -3.99 -9.09
C GLY A 385 -9.98 -4.25 -8.26
N LEU A 386 -8.95 -3.42 -8.38
CA LEU A 386 -7.72 -3.65 -7.63
C LEU A 386 -7.90 -3.32 -6.14
N PHE A 387 -7.19 -4.08 -5.30
CA PHE A 387 -7.08 -3.71 -3.88
C PHE A 387 -6.44 -2.34 -3.72
N PHE A 388 -5.38 -2.10 -4.47
CA PHE A 388 -4.59 -0.88 -4.36
C PHE A 388 -4.79 -0.05 -5.60
N ARG A 389 -5.45 1.10 -5.44
CA ARG A 389 -5.84 1.92 -6.57
C ARG A 389 -4.65 2.21 -7.47
N ARG A 390 -4.87 2.11 -8.78
CA ARG A 390 -3.85 2.62 -9.69
C ARG A 390 -4.48 3.02 -11.01
N PRO A 391 -4.21 4.21 -11.52
CA PRO A 391 -4.73 4.59 -12.84
C PRO A 391 -3.96 3.88 -13.95
N ARG A 392 -4.64 3.66 -15.08
CA ARG A 392 -3.96 3.08 -16.23
CA ARG A 392 -3.96 3.08 -16.23
C ARG A 392 -2.84 3.99 -16.72
N ALA A 393 -3.07 5.29 -16.73
CA ALA A 393 -2.01 6.17 -17.20
C ALA A 393 -2.17 7.56 -16.60
N ILE A 394 -1.07 8.28 -16.51
CA ILE A 394 -1.12 9.65 -16.02
C ILE A 394 -0.57 10.56 -17.11
N PRO A 395 -1.38 10.95 -18.09
CA PRO A 395 -0.90 11.87 -19.14
C PRO A 395 -0.59 13.22 -18.53
N ALA A 396 0.67 13.65 -18.64
CA ALA A 396 1.10 14.89 -18.00
C ALA A 396 2.05 15.63 -18.92
N THR A 397 2.28 16.91 -18.60
CA THR A 397 3.11 17.75 -19.45
C THR A 397 3.58 18.97 -18.67
N TRP A 398 4.63 19.60 -19.18
N TRP A 398 4.65 19.59 -19.17
CA TRP A 398 5.06 20.89 -18.68
CA TRP A 398 5.01 20.93 -18.77
C TRP A 398 4.50 22.01 -19.55
C TRP A 398 4.49 21.93 -19.81
CHA HEM B . 1.74 -3.45 6.42
CHB HEM B . 5.89 -3.98 4.00
CHC HEM B . 4.90 -0.01 1.45
CHD HEM B . 0.87 0.61 4.03
C1A HEM B . 2.92 -3.96 5.93
C2A HEM B . 3.48 -5.23 6.30
C3A HEM B . 4.63 -5.39 5.64
C4A HEM B . 4.82 -4.21 4.83
CMA HEM B . 5.57 -6.60 5.73
CAA HEM B . 2.87 -6.24 7.28
CBA HEM B . 3.02 -5.74 8.72
CGA HEM B . 2.27 -6.65 9.64
O1A HEM B . 2.79 -6.95 10.73
O2A HEM B . 1.16 -7.14 9.27
C1B HEM B . 6.00 -2.93 3.14
C2B HEM B . 7.09 -2.71 2.23
C3B HEM B . 6.79 -1.62 1.51
C4B HEM B . 5.52 -1.12 1.96
CMB HEM B . 8.34 -3.61 2.15
CAB HEM B . 7.63 -0.90 0.45
CBB HEM B . 8.95 -1.06 0.40
C1C HEM B . 3.71 0.48 1.89
C2C HEM B . 3.04 1.65 1.37
C3C HEM B . 1.93 1.82 2.09
C4C HEM B . 1.88 0.78 3.11
CMC HEM B . 3.50 2.55 0.19
CAC HEM B . 0.92 2.95 1.87
CBC HEM B . -0.32 2.89 2.37
C1D HEM B . 0.74 -0.43 4.90
C2D HEM B . -0.32 -0.62 5.86
C3D HEM B . -0.08 -1.74 6.52
C4D HEM B . 1.15 -2.29 6.00
CMD HEM B . -1.55 0.28 6.13
CAD HEM B . -0.95 -2.31 7.66
CBD HEM B . -1.84 -3.47 7.24
CGD HEM B . -2.51 -4.00 8.48
O1D HEM B . -2.39 -3.36 9.56
O2D HEM B . -3.17 -5.07 8.38
NA HEM B . 3.75 -3.34 5.03
NB HEM B . 5.06 -1.95 2.96
NC HEM B . 2.99 -0.01 2.95
ND HEM B . 1.64 -1.47 5.00
FE HEM B . 3.33 -1.64 4.00
HHB HEM B . 6.64 -4.61 4.05
HHC HEM B . 5.35 0.45 0.72
HHD HEM B . 0.19 1.30 4.07
HMA HEM B . 5.04 -7.43 5.66
HMAA HEM B . 6.04 -6.60 6.59
HMAB HEM B . 6.22 -6.58 5.00
HAA HEM B . 3.32 -7.10 7.20
HAAA HEM B . 1.93 -6.35 7.08
HBA HEM B . 2.65 -4.84 8.79
HBAA HEM B . 3.96 -5.73 8.96
HMB HEM B . 8.79 -3.47 1.29
HMBA HEM B . 8.07 -4.55 2.20
HMBB HEM B . 8.95 -3.40 2.87
HAB HEM B . 7.19 -0.34 -0.20
HBB HEM B . 9.39 -1.63 1.05
HBBA HEM B . 9.47 -0.60 -0.28
HMC HEM B . 4.32 3.01 0.43
HMCA HEM B . 2.80 3.19 -0.01
HMCB HEM B . 3.66 1.99 -0.59
HAC HEM B . 1.18 3.73 1.36
HBC HEM B . -0.94 3.62 2.22
HBCA HEM B . -0.59 2.12 2.88
HMD HEM B . -2.23 0.13 5.45
HMDA HEM B . -1.27 1.22 6.11
HMDB HEM B . -1.92 0.07 7.01
HAD HEM B . -0.36 -2.62 8.37
HADA HEM B . -1.51 -1.60 8.01
HBD HEM B . -2.51 -3.15 6.61
HBDA HEM B . -1.30 -4.16 6.81
HHA HEM B . 1.29 -3.96 7.12
C10 2IV C . -5.08 -4.64 3.06
C11 2IV C . -4.87 -3.87 4.37
C12 2IV C . -4.57 -2.43 3.90
C13 2IV C . -5.46 -1.34 3.91
C02 2IV C . -5.74 -5.99 3.39
C04 2IV C . -6.53 -6.06 1.06
C05 2IV C . -8.01 -6.80 0.79
C06 2IV C . -8.01 -8.07 1.67
C07 2IV C . -7.05 -7.90 2.68
C08 2IV C . -6.65 -4.54 0.94
C15 2IV C . -3.53 -0.66 2.98
C16 2IV C . -2.48 0.08 2.35
C17 2IV C . -1.27 -0.53 2.06
C18 2IV C . -1.08 -1.90 2.38
C19 2IV C . -2.13 -2.64 2.97
C21 2IV C . -3.36 -2.00 3.28
F20 2IV C . -1.93 -3.95 3.29
N03 2IV C . -6.33 -6.45 2.25
N09 2IV C . -5.85 -3.75 2.06
N14 2IV C . -4.81 -0.30 3.36
O01 2IV C . -5.69 -6.52 4.47
O22 2IV C . -7.29 -3.99 0.05
#